data_5C6C
#
_entry.id   5C6C
#
_cell.length_a   46.7000
_cell.length_b   63.7800
_cell.length_c   99.5300
_cell.angle_alpha   90.0000
_cell.angle_beta   90.0000
_cell.angle_gamma   90.0000
#
_symmetry.space_group_name_H-M   'P 21 21 21'
#
loop_
_entity.id
_entity.type
_entity.pdbx_description
1 polymer 'cGMP-dependent protein kinase 2'
2 non-polymer 'CADMIUM ION'
3 non-polymer "ADENOSINE-3',5'-CYCLIC-MONOPHOSPHATE"
4 non-polymer 'COBALT (II) ION'
5 non-polymer 'CALCIUM ION'
6 non-polymer 1,2-ETHANEDIOL
7 non-polymer 'SODIUM ION'
8 water water
#
_entity_poly.entity_id   1
_entity_poly.type   'polypeptide(L)'
_entity_poly.pdbx_seq_one_letter_code
;GSNKPPEFSFEKARVRKDSSEKKLITDALNKNQFLKRLDPQQIKDMVECMYGRNYQQGSYIIKQGEPGNHIFVLAEGRLE
VFQGEKLLSSIPMWTTFGELAILYNCTRTASVKAITNVKTWALDREVFQNIMRRTAQARDEQY
;
_entity_poly.pdbx_strand_id   A,B
#
# COMPACT_ATOMS: atom_id res chain seq x y z
N ARG A 16 18.38 0.61 24.12
CA ARG A 16 17.09 1.28 24.02
C ARG A 16 15.91 0.33 24.22
N LYS A 17 16.11 -0.95 23.91
CA LYS A 17 14.99 -1.91 23.89
C LYS A 17 15.38 -3.29 24.35
N ASP A 18 14.46 -3.98 25.03
CA ASP A 18 14.71 -5.35 25.41
C ASP A 18 14.32 -6.29 24.28
N SER A 19 14.60 -7.58 24.45
CA SER A 19 14.31 -8.60 23.45
C SER A 19 12.82 -8.66 23.13
N SER A 20 12.01 -8.28 24.11
CA SER A 20 10.58 -8.32 23.99
C SER A 20 10.10 -7.25 23.01
N GLU A 21 10.60 -6.04 23.18
CA GLU A 21 10.22 -4.93 22.33
C GLU A 21 10.77 -5.14 20.92
N LYS A 22 12.00 -5.63 20.84
CA LYS A 22 12.63 -5.90 19.56
C LYS A 22 11.81 -6.89 18.75
N LYS A 23 11.25 -7.88 19.44
CA LYS A 23 10.44 -8.89 18.79
C LYS A 23 9.12 -8.28 18.27
N LEU A 24 8.49 -7.45 19.09
CA LEU A 24 7.26 -6.77 18.70
C LEU A 24 7.44 -5.86 17.47
N ILE A 25 8.52 -5.09 17.44
CA ILE A 25 8.84 -4.23 16.30
C ILE A 25 9.17 -5.06 15.07
N THR A 26 10.00 -6.09 15.25
CA THR A 26 10.33 -6.99 14.14
C THR A 26 9.08 -7.55 13.46
N ASP A 27 8.16 -8.12 14.24
CA ASP A 27 6.90 -8.64 13.72
C ASP A 27 6.09 -7.56 13.00
N ALA A 28 6.06 -6.35 13.57
CA ALA A 28 5.35 -5.24 12.95
C ALA A 28 5.92 -4.91 11.57
N LEU A 29 7.24 -4.90 11.45
CA LEU A 29 7.87 -4.59 10.16
C LEU A 29 7.68 -5.72 9.16
N ASN A 30 7.79 -6.98 9.64
CA ASN A 30 7.68 -8.14 8.75
C ASN A 30 6.28 -8.30 8.14
N LYS A 31 5.28 -7.78 8.84
CA LYS A 31 3.89 -7.91 8.37
C LYS A 31 3.54 -6.85 7.30
N ASN A 32 4.40 -5.86 7.15
CA ASN A 32 4.15 -4.84 6.13
C ASN A 32 4.48 -5.36 4.72
N GLN A 33 3.48 -5.32 3.84
CA GLN A 33 3.59 -5.92 2.51
C GLN A 33 4.73 -5.33 1.69
N PHE A 34 5.01 -4.05 1.89
CA PHE A 34 6.06 -3.40 1.09
C PHE A 34 7.45 -3.66 1.64
N LEU A 35 7.53 -4.21 2.85
CA LEU A 35 8.82 -4.47 3.48
C LEU A 35 9.23 -5.93 3.42
N LYS A 36 8.33 -6.78 2.94
CA LYS A 36 8.60 -8.21 2.84
C LYS A 36 9.83 -8.48 1.98
N ARG A 37 10.24 -7.50 1.19
CA ARG A 37 11.39 -7.63 0.32
C ARG A 37 12.73 -7.70 1.08
N LEU A 38 12.81 -6.99 2.21
CA LEU A 38 14.05 -6.89 2.97
C LEU A 38 14.50 -8.21 3.60
N ASP A 39 15.82 -8.34 3.77
CA ASP A 39 16.42 -9.48 4.46
C ASP A 39 16.26 -9.36 5.97
N PRO A 40 16.40 -10.48 6.70
CA PRO A 40 16.26 -10.38 8.15
C PRO A 40 17.32 -9.48 8.81
N GLN A 41 18.48 -9.38 8.17
CA GLN A 41 19.54 -8.53 8.71
C GLN A 41 19.17 -7.06 8.57
N GLN A 42 18.50 -6.73 7.48
CA GLN A 42 18.06 -5.36 7.27
C GLN A 42 16.99 -4.98 8.28
N ILE A 43 16.06 -5.89 8.53
CA ILE A 43 15.01 -5.64 9.51
C ILE A 43 15.66 -5.45 10.87
N LYS A 44 16.58 -6.33 11.21
CA LYS A 44 17.26 -6.28 12.49
C LYS A 44 17.95 -4.93 12.67
N ASP A 45 18.59 -4.46 11.60
CA ASP A 45 19.25 -3.17 11.64
C ASP A 45 18.28 -2.02 11.86
N MET A 46 17.12 -2.07 11.20
CA MET A 46 16.10 -1.05 11.41
C MET A 46 15.67 -1.01 12.87
N VAL A 47 15.35 -2.18 13.43
CA VAL A 47 14.91 -2.30 14.81
C VAL A 47 15.92 -1.67 15.77
N GLU A 48 17.20 -2.01 15.61
CA GLU A 48 18.20 -1.57 16.58
C GLU A 48 18.34 -0.04 16.52
N CYS A 49 18.17 0.50 15.33
CA CYS A 49 18.27 1.92 15.07
C CYS A 49 17.02 2.77 15.44
N MET A 50 15.87 2.13 15.58
CA MET A 50 14.67 2.90 15.85
C MET A 50 14.67 3.59 17.19
N TYR A 51 14.02 4.74 17.26
CA TYR A 51 13.98 5.52 18.49
C TYR A 51 12.55 5.85 18.88
N GLY A 52 12.32 5.95 20.18
CA GLY A 52 10.98 6.18 20.70
C GLY A 52 10.54 7.62 20.52
N ARG A 53 9.29 7.82 20.12
CA ARG A 53 8.78 9.19 20.12
C ARG A 53 7.31 9.23 20.52
N ASN A 54 7.02 10.02 21.55
CA ASN A 54 5.65 10.18 22.03
C ASN A 54 4.99 11.37 21.35
N TYR A 55 3.67 11.27 21.20
CA TYR A 55 2.83 12.30 20.61
C TYR A 55 1.61 12.52 21.49
N GLN A 56 1.27 13.79 21.73
CA GLN A 56 0.06 14.14 22.46
C GLN A 56 -1.20 13.97 21.60
N GLN A 57 -2.29 13.63 22.28
CA GLN A 57 -3.60 13.51 21.67
C GLN A 57 -3.94 14.75 20.85
N GLY A 58 -4.41 14.52 19.64
CA GLY A 58 -4.79 15.63 18.78
C GLY A 58 -3.67 16.10 17.87
N SER A 59 -2.44 15.73 18.15
CA SER A 59 -1.35 16.13 17.26
C SER A 59 -1.27 15.16 16.08
N TYR A 60 -0.61 15.60 15.00
CA TYR A 60 -0.48 14.77 13.82
C TYR A 60 0.89 14.14 13.76
N ILE A 61 0.95 12.83 13.53
CA ILE A 61 2.24 12.18 13.37
C ILE A 61 2.75 12.42 11.93
N ILE A 62 1.81 12.43 10.99
CA ILE A 62 2.06 12.60 9.58
C ILE A 62 1.04 13.59 9.02
N LYS A 63 1.46 14.45 8.11
CA LYS A 63 0.53 15.36 7.41
C LYS A 63 0.57 15.14 5.91
N GLN A 64 -0.61 14.96 5.33
CA GLN A 64 -0.72 14.76 3.90
C GLN A 64 -0.01 15.90 3.13
N GLY A 65 0.67 15.54 2.04
CA GLY A 65 1.37 16.53 1.24
C GLY A 65 2.82 16.79 1.63
N GLU A 66 3.23 16.43 2.84
CA GLU A 66 4.61 16.65 3.28
C GLU A 66 5.56 15.63 2.64
N PRO A 67 6.87 15.92 2.64
CA PRO A 67 7.84 14.86 2.30
C PRO A 67 7.82 13.77 3.36
N GLY A 68 8.33 12.57 3.05
CA GLY A 68 8.38 11.50 4.05
C GLY A 68 9.73 11.34 4.72
N ASN A 69 9.86 11.79 5.97
CA ASN A 69 11.17 11.85 6.61
C ASN A 69 11.37 10.74 7.65
N HIS A 70 10.31 9.98 7.90
CA HIS A 70 10.34 8.91 8.89
C HIS A 70 9.35 7.81 8.58
N ILE A 71 9.71 6.60 8.98
CA ILE A 71 8.78 5.48 8.99
C ILE A 71 8.56 5.11 10.47
N PHE A 72 7.35 4.67 10.79
CA PHE A 72 6.90 4.51 12.18
C PHE A 72 6.31 3.17 12.44
N VAL A 73 6.35 2.77 13.71
CA VAL A 73 5.59 1.62 14.18
C VAL A 73 4.77 2.10 15.37
N LEU A 74 3.49 1.80 15.38
CA LEU A 74 2.61 2.20 16.49
C LEU A 74 2.80 1.26 17.67
N ALA A 75 3.24 1.79 18.81
CA ALA A 75 3.57 0.94 19.94
C ALA A 75 2.55 1.02 21.05
N GLU A 76 2.00 2.22 21.23
CA GLU A 76 0.99 2.45 22.28
C GLU A 76 0.06 3.61 21.89
N GLY A 77 -1.22 3.47 22.19
CA GLY A 77 -2.19 4.50 21.86
C GLY A 77 -2.94 4.22 20.57
N ARG A 78 -3.77 5.17 20.15
CA ARG A 78 -4.63 4.97 18.98
C ARG A 78 -4.37 6.00 17.89
N LEU A 79 -4.31 5.53 16.64
CA LEU A 79 -4.09 6.42 15.50
C LEU A 79 -5.19 6.29 14.45
N GLU A 80 -5.61 7.41 13.85
CA GLU A 80 -6.52 7.36 12.70
C GLU A 80 -5.87 8.01 11.47
N VAL A 81 -6.18 7.47 10.29
CA VAL A 81 -5.69 7.98 9.03
C VAL A 81 -6.81 8.75 8.32
N PHE A 82 -6.47 9.94 7.82
CA PHE A 82 -7.42 10.89 7.24
C PHE A 82 -6.95 11.43 5.91
N GLN A 83 -7.89 11.64 4.99
CA GLN A 83 -7.70 12.65 3.93
C GLN A 83 -8.70 13.78 4.16
N GLY A 84 -8.17 14.91 4.58
CA GLY A 84 -9.03 16.01 4.99
C GLY A 84 -9.80 15.59 6.22
N GLU A 85 -11.08 15.90 6.25
CA GLU A 85 -11.94 15.49 7.34
C GLU A 85 -12.42 14.05 7.15
N LYS A 86 -11.97 13.39 6.08
CA LYS A 86 -12.49 12.06 5.76
C LYS A 86 -11.64 10.94 6.39
N LEU A 87 -12.30 10.10 7.19
CA LEU A 87 -11.62 9.01 7.87
C LEU A 87 -11.37 7.84 6.92
N LEU A 88 -10.12 7.41 6.87
CA LEU A 88 -9.69 6.32 6.01
C LEU A 88 -9.57 4.99 6.75
N SER A 89 -8.99 5.02 7.95
CA SER A 89 -8.65 3.80 8.67
C SER A 89 -8.17 4.05 10.11
N SER A 90 -8.39 3.06 10.98
CA SER A 90 -7.80 3.02 12.32
C SER A 90 -6.58 2.09 12.32
N ILE A 91 -5.44 2.60 12.75
CA ILE A 91 -4.21 1.80 12.74
C ILE A 91 -4.12 0.86 13.94
N PRO A 92 -4.10 -0.45 13.70
CA PRO A 92 -4.00 -1.36 14.86
C PRO A 92 -2.63 -1.27 15.52
N MET A 93 -2.53 -1.68 16.78
CA MET A 93 -1.25 -1.67 17.48
C MET A 93 -0.24 -2.53 16.71
N TRP A 94 1.02 -2.08 16.70
CA TRP A 94 2.11 -2.83 16.11
C TRP A 94 1.91 -2.98 14.62
N THR A 95 1.65 -1.85 13.98
CA THR A 95 1.51 -1.73 12.55
C THR A 95 2.53 -0.72 12.06
N THR A 96 3.17 -1.01 10.95
CA THR A 96 4.09 -0.08 10.32
C THR A 96 3.32 0.92 9.47
N PHE A 97 3.64 2.20 9.60
CA PHE A 97 3.00 3.18 8.74
C PHE A 97 3.99 4.29 8.38
N GLY A 98 3.63 5.11 7.40
CA GLY A 98 4.53 6.16 6.94
C GLY A 98 5.60 5.61 6.02
N GLU A 99 5.36 4.40 5.49
CA GLU A 99 6.35 3.76 4.62
C GLU A 99 6.25 4.16 3.14
N LEU A 100 5.06 4.56 2.67
CA LEU A 100 4.89 4.85 1.25
C LEU A 100 5.79 5.99 0.76
N ALA A 101 5.81 7.09 1.51
CA ALA A 101 6.54 8.27 1.05
C ALA A 101 8.05 8.01 1.13
N ILE A 102 8.44 7.10 2.01
CA ILE A 102 9.86 6.72 2.15
C ILE A 102 10.33 5.85 1.00
N LEU A 103 9.60 4.77 0.76
CA LEU A 103 9.96 3.79 -0.26
C LEU A 103 9.88 4.31 -1.67
N TYR A 104 8.98 5.26 -1.92
CA TYR A 104 8.67 5.65 -3.29
C TYR A 104 8.98 7.10 -3.62
N ASN A 105 9.72 7.78 -2.75
CA ASN A 105 10.07 9.19 -2.94
C ASN A 105 8.86 10.01 -3.39
N CYS A 106 7.79 9.94 -2.62
N CYS A 106 7.81 9.97 -2.59
CA CYS A 106 6.57 10.70 -2.91
CA CYS A 106 6.59 10.71 -2.86
C CYS A 106 6.08 11.38 -1.64
C CYS A 106 6.24 11.59 -1.67
N THR A 107 5.13 12.29 -1.79
CA THR A 107 4.62 13.05 -0.64
C THR A 107 3.68 12.17 0.19
N ARG A 108 3.52 12.50 1.48
CA ARG A 108 2.61 11.77 2.33
C ARG A 108 1.24 11.67 1.65
N THR A 109 0.68 10.46 1.62
CA THR A 109 -0.57 10.18 0.92
C THR A 109 -1.80 10.54 1.75
N ALA A 110 -1.59 10.75 3.04
CA ALA A 110 -2.67 10.98 4.00
C ALA A 110 -2.12 11.52 5.32
N SER A 111 -2.97 12.04 6.20
CA SER A 111 -2.51 12.46 7.50
C SER A 111 -2.75 11.35 8.54
N VAL A 112 -1.93 11.31 9.58
CA VAL A 112 -2.15 10.34 10.64
C VAL A 112 -2.22 11.10 11.94
N LYS A 113 -3.34 10.98 12.63
CA LYS A 113 -3.63 11.77 13.81
C LYS A 113 -3.66 10.92 15.08
N ALA A 114 -3.13 11.48 16.16
CA ALA A 114 -3.17 10.86 17.49
C ALA A 114 -4.54 11.02 18.14
N ILE A 115 -5.25 9.91 18.29
CA ILE A 115 -6.59 9.91 18.88
C ILE A 115 -6.53 9.86 20.40
N THR A 116 -5.48 9.21 20.90
CA THR A 116 -5.11 9.29 22.30
C THR A 116 -3.67 9.76 22.35
N ASN A 117 -3.10 9.91 23.54
CA ASN A 117 -1.64 10.02 23.62
C ASN A 117 -1.00 8.73 23.06
N VAL A 118 0.10 8.88 22.34
CA VAL A 118 0.68 7.81 21.53
C VAL A 118 2.20 7.64 21.75
N LYS A 119 2.69 6.40 21.67
CA LYS A 119 4.11 6.17 21.46
C LYS A 119 4.36 5.44 20.15
N THR A 120 5.31 5.96 19.38
CA THR A 120 5.77 5.28 18.18
C THR A 120 7.25 4.87 18.32
N TRP A 121 7.66 3.86 17.59
CA TRP A 121 9.06 3.70 17.24
C TRP A 121 9.24 4.30 15.88
N ALA A 122 10.32 5.06 15.69
CA ALA A 122 10.55 5.76 14.43
C ALA A 122 11.96 5.52 13.83
N LEU A 123 12.03 5.47 12.51
CA LEU A 123 13.30 5.41 11.80
C LEU A 123 13.35 6.59 10.82
N ASP A 124 14.44 7.35 10.81
CA ASP A 124 14.55 8.44 9.87
C ASP A 124 14.94 7.97 8.46
N ARG A 125 14.49 8.71 7.46
CA ARG A 125 14.69 8.36 6.05
C ARG A 125 16.15 8.04 5.68
N GLU A 126 17.09 8.91 6.00
CA GLU A 126 18.47 8.70 5.54
C GLU A 126 19.08 7.44 6.13
N VAL A 127 18.75 7.14 7.40
CA VAL A 127 19.18 5.89 8.02
C VAL A 127 18.57 4.69 7.31
N PHE A 128 17.28 4.79 7.02
CA PHE A 128 16.57 3.74 6.30
C PHE A 128 17.30 3.41 5.01
N GLN A 129 17.91 4.43 4.41
CA GLN A 129 18.66 4.25 3.18
C GLN A 129 20.12 3.85 3.43
N ASN A 130 20.70 4.30 4.55
CA ASN A 130 22.03 3.82 4.91
C ASN A 130 21.98 2.32 5.14
N ILE A 131 20.92 1.88 5.81
CA ILE A 131 20.70 0.44 6.05
C ILE A 131 20.57 -0.28 4.71
N MET A 132 19.89 0.35 3.76
CA MET A 132 19.78 -0.26 2.43
C MET A 132 21.10 -0.18 1.68
N ARG A 133 22.03 0.63 2.19
CA ARG A 133 23.34 0.80 1.54
C ARG A 133 24.41 -0.09 2.18
N ARG A 134 23.99 -1.00 3.05
CA ARG A 134 24.91 -1.92 3.70
C ARG A 134 25.11 -3.20 2.91
N ARG B 14 -16.27 -5.84 -23.06
CA ARG B 14 -16.32 -6.99 -22.16
C ARG B 14 -16.62 -6.56 -20.72
N VAL B 15 -17.91 -6.56 -20.36
CA VAL B 15 -18.37 -5.99 -19.09
C VAL B 15 -19.33 -6.92 -18.32
N ARG B 16 -20.07 -7.77 -19.03
CA ARG B 16 -21.01 -8.69 -18.38
C ARG B 16 -20.29 -9.73 -17.51
N LYS B 17 -20.78 -9.93 -16.29
CA LYS B 17 -20.17 -10.90 -15.38
C LYS B 17 -21.23 -11.74 -14.71
N ASP B 18 -20.92 -13.01 -14.44
CA ASP B 18 -21.82 -13.85 -13.65
C ASP B 18 -21.53 -13.58 -12.18
N SER B 19 -22.36 -14.13 -11.30
CA SER B 19 -22.27 -13.80 -9.89
C SER B 19 -20.97 -14.30 -9.26
N SER B 20 -20.42 -15.39 -9.79
CA SER B 20 -19.18 -15.89 -9.22
C SER B 20 -18.01 -14.96 -9.57
N GLU B 21 -17.96 -14.46 -10.80
CA GLU B 21 -16.93 -13.47 -11.16
C GLU B 21 -17.08 -12.21 -10.33
N LYS B 22 -18.32 -11.78 -10.14
CA LYS B 22 -18.57 -10.62 -9.29
C LYS B 22 -18.09 -10.83 -7.87
N LYS B 23 -18.23 -12.04 -7.34
CA LYS B 23 -17.81 -12.30 -5.97
C LYS B 23 -16.30 -12.36 -5.87
N LEU B 24 -15.67 -13.06 -6.82
CA LEU B 24 -14.21 -13.09 -6.92
C LEU B 24 -13.59 -11.68 -7.02
N ILE B 25 -14.14 -10.84 -7.89
CA ILE B 25 -13.62 -9.48 -8.00
C ILE B 25 -13.84 -8.73 -6.70
N THR B 26 -15.04 -8.87 -6.13
CA THR B 26 -15.41 -8.12 -4.94
C THR B 26 -14.43 -8.46 -3.78
N ASP B 27 -14.06 -9.73 -3.65
CA ASP B 27 -13.16 -10.14 -2.58
C ASP B 27 -11.74 -9.63 -2.81
N ALA B 28 -11.29 -9.68 -4.07
CA ALA B 28 -9.98 -9.16 -4.42
C ALA B 28 -9.85 -7.68 -4.04
N LEU B 29 -10.92 -6.92 -4.24
CA LEU B 29 -10.90 -5.48 -3.93
C LEU B 29 -10.95 -5.24 -2.41
N ASN B 30 -11.86 -5.93 -1.72
CA ASN B 30 -11.97 -5.80 -0.27
C ASN B 30 -10.70 -6.20 0.46
N LYS B 31 -9.98 -7.16 -0.11
CA LYS B 31 -8.69 -7.62 0.42
C LYS B 31 -7.63 -6.50 0.42
N ASN B 32 -7.70 -5.59 -0.55
CA ASN B 32 -6.65 -4.59 -0.66
C ASN B 32 -6.73 -3.58 0.48
N GLN B 33 -5.63 -3.37 1.19
CA GLN B 33 -5.66 -2.53 2.38
C GLN B 33 -6.15 -1.11 2.09
N PHE B 34 -5.82 -0.60 0.90
CA PHE B 34 -6.11 0.79 0.56
C PHE B 34 -7.52 1.01 0.01
N LEU B 35 -8.21 -0.07 -0.33
CA LEU B 35 -9.61 -0.01 -0.78
C LEU B 35 -10.64 -0.28 0.32
N LYS B 36 -10.17 -0.69 1.50
CA LYS B 36 -11.08 -1.04 2.58
C LYS B 36 -11.86 0.19 3.08
N ARG B 37 -11.35 1.38 2.76
CA ARG B 37 -12.04 2.64 3.03
C ARG B 37 -13.41 2.74 2.32
N LEU B 38 -13.62 1.93 1.27
CA LEU B 38 -14.84 2.04 0.46
C LEU B 38 -16.00 1.25 1.06
N ASP B 39 -17.22 1.81 1.00
CA ASP B 39 -18.37 1.04 1.48
C ASP B 39 -18.81 0.05 0.42
N PRO B 40 -19.60 -0.95 0.82
CA PRO B 40 -20.09 -2.01 -0.06
C PRO B 40 -20.65 -1.48 -1.38
N GLN B 41 -21.44 -0.41 -1.32
CA GLN B 41 -22.06 0.13 -2.54
C GLN B 41 -21.00 0.63 -3.53
N GLN B 42 -19.97 1.30 -3.03
CA GLN B 42 -18.88 1.79 -3.89
C GLN B 42 -18.14 0.66 -4.57
N ILE B 43 -17.91 -0.42 -3.81
CA ILE B 43 -17.29 -1.62 -4.34
C ILE B 43 -18.17 -2.29 -5.42
N LYS B 44 -19.47 -2.45 -5.12
CA LYS B 44 -20.42 -3.03 -6.07
C LYS B 44 -20.35 -2.26 -7.37
N ASP B 45 -20.27 -0.94 -7.21
CA ASP B 45 -20.19 -0.02 -8.32
C ASP B 45 -19.00 -0.30 -9.20
N MET B 46 -17.81 -0.34 -8.60
CA MET B 46 -16.58 -0.63 -9.32
C MET B 46 -16.67 -1.94 -10.09
N VAL B 47 -17.14 -2.97 -9.40
CA VAL B 47 -17.19 -4.30 -10.00
C VAL B 47 -18.03 -4.27 -11.25
N GLU B 48 -19.10 -3.48 -11.24
CA GLU B 48 -20.02 -3.41 -12.36
C GLU B 48 -19.40 -2.74 -13.59
N CYS B 49 -18.53 -1.76 -13.37
N CYS B 49 -18.53 -1.76 -13.40
CA CYS B 49 -17.99 -0.98 -14.47
CA CYS B 49 -18.00 -0.99 -14.52
C CYS B 49 -16.62 -1.47 -14.95
C CYS B 49 -16.63 -1.51 -15.00
N MET B 50 -16.09 -2.48 -14.28
CA MET B 50 -14.80 -3.06 -14.67
C MET B 50 -14.95 -3.88 -15.96
N TYR B 51 -13.90 -3.92 -16.76
CA TYR B 51 -13.96 -4.62 -18.05
C TYR B 51 -12.74 -5.51 -18.27
N GLY B 52 -12.84 -6.44 -19.20
CA GLY B 52 -11.77 -7.39 -19.42
C GLY B 52 -10.61 -6.82 -20.20
N ARG B 53 -9.40 -7.01 -19.69
CA ARG B 53 -8.17 -6.63 -20.38
C ARG B 53 -7.18 -7.79 -20.37
N ASN B 54 -6.86 -8.29 -21.56
CA ASN B 54 -5.94 -9.42 -21.72
C ASN B 54 -4.57 -8.97 -22.18
N TYR B 55 -3.53 -9.66 -21.73
CA TYR B 55 -2.15 -9.32 -22.09
C TYR B 55 -1.37 -10.56 -22.52
N GLN B 56 -0.67 -10.44 -23.65
CA GLN B 56 0.09 -11.58 -24.17
C GLN B 56 1.34 -11.78 -23.34
N GLN B 57 1.75 -13.04 -23.17
CA GLN B 57 2.93 -13.37 -22.37
C GLN B 57 4.15 -12.56 -22.78
N GLY B 58 4.78 -11.90 -21.81
CA GLY B 58 5.97 -11.11 -22.07
C GLY B 58 5.73 -9.63 -22.14
N SER B 59 4.45 -9.23 -22.20
CA SER B 59 4.12 -7.81 -22.32
C SER B 59 3.98 -7.17 -20.94
N TYR B 60 4.22 -5.87 -20.87
CA TYR B 60 4.12 -5.13 -19.62
C TYR B 60 2.73 -4.51 -19.43
N ILE B 61 2.13 -4.76 -18.28
CA ILE B 61 0.83 -4.16 -17.97
C ILE B 61 1.01 -2.75 -17.41
N ILE B 62 2.07 -2.57 -16.63
CA ILE B 62 2.40 -1.28 -16.05
C ILE B 62 3.88 -0.96 -16.19
N LYS B 63 4.19 0.28 -16.53
CA LYS B 63 5.57 0.75 -16.58
C LYS B 63 5.88 1.70 -15.42
N GLN B 64 6.95 1.41 -14.69
CA GLN B 64 7.45 2.27 -13.63
C GLN B 64 7.61 3.72 -14.13
N GLY B 65 7.26 4.67 -13.27
CA GLY B 65 7.35 6.07 -13.64
C GLY B 65 6.13 6.56 -14.39
N GLU B 66 5.66 5.76 -15.36
CA GLU B 66 4.54 6.16 -16.20
C GLU B 66 3.34 6.53 -15.35
N PRO B 67 2.41 7.31 -15.92
CA PRO B 67 1.19 7.65 -15.17
C PRO B 67 0.30 6.42 -14.96
N GLY B 68 -0.82 6.62 -14.28
CA GLY B 68 -1.73 5.52 -14.01
C GLY B 68 -3.11 5.81 -14.54
N ASN B 69 -3.53 5.00 -15.51
CA ASN B 69 -4.85 5.18 -16.10
C ASN B 69 -5.82 4.09 -15.66
N HIS B 70 -5.28 3.00 -15.10
CA HIS B 70 -6.12 1.86 -14.71
C HIS B 70 -5.73 1.23 -13.38
N ILE B 71 -6.73 0.74 -12.66
CA ILE B 71 -6.50 -0.17 -11.54
C ILE B 71 -6.91 -1.56 -12.00
N PHE B 72 -6.21 -2.58 -11.54
CA PHE B 72 -6.41 -3.93 -12.07
C PHE B 72 -6.72 -4.98 -11.00
N VAL B 73 -7.40 -6.04 -11.42
CA VAL B 73 -7.49 -7.27 -10.65
C VAL B 73 -7.06 -8.42 -11.55
N LEU B 74 -6.05 -9.17 -11.10
CA LEU B 74 -5.57 -10.35 -11.82
C LEU B 74 -6.58 -11.49 -11.71
N ALA B 75 -7.02 -11.99 -12.86
CA ALA B 75 -8.03 -13.04 -12.91
C ALA B 75 -7.42 -14.38 -13.31
N GLU B 76 -6.39 -14.34 -14.14
CA GLU B 76 -5.71 -15.55 -14.58
C GLU B 76 -4.32 -15.26 -15.14
N GLY B 77 -3.37 -16.14 -14.85
CA GLY B 77 -2.01 -15.96 -15.33
C GLY B 77 -1.03 -15.60 -14.23
N ARG B 78 0.22 -15.41 -14.61
CA ARG B 78 1.29 -15.07 -13.68
C ARG B 78 1.80 -13.65 -13.94
N LEU B 79 1.92 -12.86 -12.87
CA LEU B 79 2.48 -11.52 -12.99
C LEU B 79 3.66 -11.32 -12.05
N GLU B 80 4.68 -10.61 -12.52
CA GLU B 80 5.83 -10.27 -11.71
C GLU B 80 6.00 -8.75 -11.62
N VAL B 81 6.34 -8.26 -10.43
CA VAL B 81 6.54 -6.83 -10.21
C VAL B 81 8.02 -6.53 -10.04
N PHE B 82 8.52 -5.53 -10.77
CA PHE B 82 9.93 -5.16 -10.76
C PHE B 82 10.09 -3.69 -10.49
N GLN B 83 11.13 -3.33 -9.73
CA GLN B 83 11.42 -1.92 -9.51
C GLN B 83 12.17 -1.40 -10.73
N GLY B 84 13.41 -1.84 -10.89
CA GLY B 84 14.18 -1.54 -12.09
C GLY B 84 14.85 -2.78 -12.63
N GLU B 85 14.18 -3.91 -12.43
CA GLU B 85 14.72 -5.25 -12.70
C GLU B 85 15.62 -5.66 -11.54
N LEU B 87 12.90 -9.14 -9.18
CA LEU B 87 11.51 -8.86 -8.84
C LEU B 87 11.35 -8.37 -7.41
N LEU B 88 10.25 -7.68 -7.16
CA LEU B 88 9.80 -7.35 -5.82
C LEU B 88 8.90 -8.46 -5.29
N SER B 89 8.14 -9.08 -6.18
CA SER B 89 7.23 -10.18 -5.83
C SER B 89 6.37 -10.64 -7.00
N SER B 90 5.71 -11.79 -6.83
CA SER B 90 4.70 -12.23 -7.79
C SER B 90 3.32 -11.89 -7.25
N ILE B 91 2.42 -11.48 -8.14
CA ILE B 91 1.06 -11.12 -7.75
C ILE B 91 0.16 -12.35 -7.78
N PRO B 92 -0.38 -12.73 -6.61
CA PRO B 92 -1.25 -13.90 -6.49
C PRO B 92 -2.54 -13.73 -7.28
N MET B 93 -3.19 -14.85 -7.58
CA MET B 93 -4.45 -14.84 -8.30
C MET B 93 -5.51 -14.09 -7.51
N TRP B 94 -6.32 -13.31 -8.22
CA TRP B 94 -7.38 -12.50 -7.62
C TRP B 94 -6.82 -11.51 -6.60
N THR B 95 -5.88 -10.71 -7.08
CA THR B 95 -5.31 -9.65 -6.29
C THR B 95 -5.45 -8.32 -7.03
N THR B 96 -5.71 -7.27 -6.28
CA THR B 96 -5.69 -5.91 -6.80
C THR B 96 -4.25 -5.43 -6.96
N PHE B 97 -3.94 -4.85 -8.11
CA PHE B 97 -2.66 -4.16 -8.27
C PHE B 97 -2.91 -2.92 -9.11
N GLY B 98 -1.94 -2.01 -9.10
CA GLY B 98 -2.07 -0.76 -9.84
C GLY B 98 -2.92 0.26 -9.09
N GLU B 99 -3.10 0.06 -7.79
CA GLU B 99 -3.97 0.93 -7.00
C GLU B 99 -3.29 2.23 -6.54
N LEU B 100 -1.99 2.19 -6.28
CA LEU B 100 -1.29 3.33 -5.69
C LEU B 100 -1.33 4.61 -6.55
N ALA B 101 -1.08 4.47 -7.84
CA ALA B 101 -0.97 5.63 -8.72
C ALA B 101 -2.36 6.24 -8.95
N ILE B 102 -3.38 5.40 -8.88
CA ILE B 102 -4.75 5.87 -9.08
C ILE B 102 -5.28 6.56 -7.82
N LEU B 103 -5.03 5.96 -6.67
CA LEU B 103 -5.50 6.50 -5.39
C LEU B 103 -4.81 7.80 -5.00
N TYR B 104 -3.53 7.93 -5.33
CA TYR B 104 -2.72 9.03 -4.79
C TYR B 104 -2.13 9.93 -5.87
N ASN B 105 -2.52 9.66 -7.12
CA ASN B 105 -2.09 10.45 -8.27
C ASN B 105 -0.57 10.56 -8.35
N CYS B 106 0.09 9.43 -8.51
CA CYS B 106 1.54 9.38 -8.55
C CYS B 106 2.04 8.55 -9.72
N THR B 107 3.36 8.56 -9.91
CA THR B 107 3.98 7.71 -10.93
C THR B 107 3.82 6.25 -10.52
N ARG B 108 3.78 5.35 -11.50
CA ARG B 108 3.79 3.93 -11.21
C ARG B 108 5.05 3.59 -10.43
N THR B 109 4.87 3.07 -9.22
CA THR B 109 5.98 2.75 -8.33
C THR B 109 6.74 1.51 -8.77
N ALA B 110 6.24 0.83 -9.79
CA ALA B 110 6.87 -0.42 -10.23
C ALA B 110 6.33 -0.87 -11.59
N SER B 111 7.04 -1.79 -12.22
CA SER B 111 6.58 -2.38 -13.47
C SER B 111 6.00 -3.76 -13.22
N VAL B 112 4.93 -4.08 -13.94
CA VAL B 112 4.27 -5.36 -13.83
C VAL B 112 4.27 -6.06 -15.18
N LYS B 113 4.98 -7.18 -15.28
CA LYS B 113 5.10 -7.89 -16.54
C LYS B 113 4.28 -9.18 -16.50
N ALA B 114 3.61 -9.47 -17.61
CA ALA B 114 2.95 -10.75 -17.79
C ALA B 114 3.97 -11.84 -18.06
N ILE B 115 4.25 -12.67 -17.06
CA ILE B 115 5.21 -13.76 -17.22
C ILE B 115 4.55 -14.90 -17.97
N THR B 116 3.24 -14.74 -18.16
CA THR B 116 2.40 -15.68 -18.89
C THR B 116 1.30 -14.88 -19.57
N ASN B 117 0.62 -15.46 -20.55
CA ASN B 117 -0.61 -14.88 -21.06
C ASN B 117 -1.55 -14.60 -19.88
N VAL B 118 -2.09 -13.38 -19.81
CA VAL B 118 -2.83 -12.95 -18.62
C VAL B 118 -4.22 -12.37 -18.93
N LYS B 119 -5.17 -12.63 -18.03
CA LYS B 119 -6.50 -12.03 -18.06
C LYS B 119 -6.72 -11.15 -16.83
N THR B 120 -7.17 -9.91 -17.05
CA THR B 120 -7.48 -9.02 -15.93
C THR B 120 -8.82 -8.34 -16.08
N TRP B 121 -9.32 -7.85 -14.95
CA TRP B 121 -10.41 -6.91 -14.91
C TRP B 121 -9.81 -5.55 -14.63
N ALA B 122 -10.19 -4.54 -15.41
CA ALA B 122 -9.65 -3.20 -15.22
C ALA B 122 -10.74 -2.16 -15.02
N LEU B 123 -10.37 -1.07 -14.35
CA LEU B 123 -11.25 0.07 -14.14
C LEU B 123 -10.49 1.34 -14.51
N ASP B 124 -11.10 2.19 -15.34
CA ASP B 124 -10.48 3.45 -15.74
C ASP B 124 -10.38 4.42 -14.57
N ARG B 125 -9.35 5.26 -14.58
CA ARG B 125 -9.12 6.25 -13.53
C ARG B 125 -10.29 7.22 -13.39
N GLU B 126 -10.73 7.80 -14.50
CA GLU B 126 -11.87 8.72 -14.48
C GLU B 126 -13.05 8.10 -13.74
N VAL B 127 -13.38 6.87 -14.11
CA VAL B 127 -14.51 6.18 -13.51
C VAL B 127 -14.27 5.92 -12.02
N PHE B 128 -13.06 5.44 -11.68
CA PHE B 128 -12.72 5.19 -10.29
C PHE B 128 -12.83 6.46 -9.44
N GLN B 129 -12.21 7.53 -9.92
CA GLN B 129 -12.19 8.79 -9.20
C GLN B 129 -13.61 9.32 -9.00
N ASN B 130 -14.47 9.01 -9.97
CA ASN B 130 -15.88 9.42 -9.91
C ASN B 130 -16.62 8.72 -8.77
N ILE B 131 -16.50 7.41 -8.73
CA ILE B 131 -17.12 6.58 -7.70
C ILE B 131 -16.65 6.97 -6.29
N MET B 132 -15.39 7.37 -6.19
CA MET B 132 -14.85 7.85 -4.92
C MET B 132 -15.27 9.30 -4.66
N ARG B 133 -16.57 9.54 -4.59
CA ARG B 133 -17.09 10.88 -4.30
C ARG B 133 -18.49 10.81 -3.70
#